data_4PVQ
#
_entry.id   4PVQ
#
_cell.length_a   59.220
_cell.length_b   59.220
_cell.length_c   298.500
_cell.angle_alpha   90.00
_cell.angle_beta   90.00
_cell.angle_gamma   120.00
#
_symmetry.space_group_name_H-M   'P 65'
#
loop_
_entity.id
_entity.type
_entity.pdbx_description
1 polymer 'Isoaspartyl peptidase/L-asparaginase'
2 non-polymer 'SULFATE ION'
3 non-polymer 'IODIDE ION'
4 non-polymer 'SODIUM ION'
5 water water
#
_entity_poly.entity_id   1
_entity_poly.type   'polypeptide(L)'
_entity_poly.pdbx_seq_one_letter_code
;GHMNPIVVVHGGGAGPISKDRKERVHQGMVRAATVGYGILREGGSAVDAVEGAVVALEDDPEFNAGCGSVLNTNGEVEMD
ASIMDGKDLSAGAVSAVQCIANPIKLARLVMEKTPHCFLTDQGAAQFAAAMGVPEIPGEKLVTERNKKRLEKEKHEKGAQ
KTDCQKNLGTVGAVALDCKGNVAYATSTGGIVNKMVGRVGDSPCLGAGGYADNDIGAVSTTGHGESILKVNLARLTLFHI
EQGKTVEEAADLSLGYMKSRVKGLGGLIVVSKTGDWVAKWTSTSMPWAAAKDGKLHFGIDPDDTTITDLP
;
_entity_poly.pdbx_strand_id   A,B
#
loop_
_chem_comp.id
_chem_comp.type
_chem_comp.name
_chem_comp.formula
IOD non-polymer 'IODIDE ION' 'I -1'
NA non-polymer 'SODIUM ION' 'Na 1'
SO4 non-polymer 'SULFATE ION' 'O4 S -2'
#
# COMPACT_ATOMS: atom_id res chain seq x y z
N HIS A 2 -13.84 29.37 10.59
CA HIS A 2 -12.81 28.31 10.71
C HIS A 2 -13.28 27.19 11.64
N MET A 3 -12.69 26.01 11.45
CA MET A 3 -13.05 24.82 12.22
C MET A 3 -12.46 24.91 13.62
N ASN A 4 -13.17 24.32 14.59
CA ASN A 4 -12.60 23.97 15.89
C ASN A 4 -11.70 22.74 15.66
N PRO A 5 -10.39 22.86 15.98
CA PRO A 5 -9.46 21.78 15.62
C PRO A 5 -9.59 20.56 16.52
N ILE A 6 -9.10 19.43 16.04
CA ILE A 6 -9.22 18.17 16.76
C ILE A 6 -8.04 17.26 16.47
N VAL A 7 -7.60 16.55 17.49
CA VAL A 7 -6.65 15.47 17.30
C VAL A 7 -7.17 14.23 18.07
N VAL A 8 -7.00 13.06 17.47
CA VAL A 8 -7.28 11.84 18.16
C VAL A 8 -6.02 10.99 18.06
N VAL A 9 -5.71 10.24 19.11
CA VAL A 9 -4.59 9.32 19.04
C VAL A 9 -5.02 7.91 19.38
N HIS A 10 -4.22 6.93 18.99
CA HIS A 10 -4.43 5.56 19.43
C HIS A 10 -3.10 4.86 19.64
N GLY A 11 -3.09 3.90 20.56
CA GLY A 11 -2.03 2.92 20.67
C GLY A 11 -2.53 1.72 19.90
N GLY A 12 -2.04 0.54 20.27
CA GLY A 12 -2.40 -0.69 19.55
C GLY A 12 -3.75 -1.27 19.87
N GLY A 13 -4.40 -1.77 18.82
CA GLY A 13 -5.60 -2.57 18.92
C GLY A 13 -5.18 -4.01 19.18
N ALA A 14 -5.03 -4.32 20.45
CA ALA A 14 -4.35 -5.56 20.88
C ALA A 14 -5.12 -6.24 22.01
N GLY A 15 -4.46 -7.21 22.64
CA GLY A 15 -5.07 -8.01 23.68
C GLY A 15 -5.10 -7.31 25.02
N PRO A 16 -5.53 -8.03 26.07
CA PRO A 16 -5.74 -7.51 27.42
C PRO A 16 -4.52 -6.80 27.97
N ILE A 17 -4.75 -5.67 28.63
CA ILE A 17 -3.71 -4.97 29.33
C ILE A 17 -4.02 -5.05 30.84
N SER A 18 -3.02 -5.42 31.63
CA SER A 18 -3.16 -5.53 33.09
C SER A 18 -3.52 -4.18 33.73
N LYS A 19 -4.13 -4.20 34.92
CA LYS A 19 -4.35 -2.94 35.66
C LYS A 19 -3.03 -2.20 35.87
N ASP A 20 -2.00 -2.92 36.30
CA ASP A 20 -0.69 -2.34 36.65
C ASP A 20 -0.02 -1.46 35.58
N ARG A 21 -0.33 -1.71 34.30
CA ARG A 21 0.35 -1.00 33.22
C ARG A 21 -0.53 -0.03 32.43
N LYS A 22 -1.84 -0.07 32.69
CA LYS A 22 -2.79 0.79 32.00
C LYS A 22 -2.60 2.26 32.36
N GLU A 23 -2.39 2.52 33.64
CA GLU A 23 -2.04 3.86 34.12
C GLU A 23 -0.89 4.43 33.30
N ARG A 24 0.02 3.54 32.89
CA ARG A 24 1.25 3.90 32.18
C ARG A 24 1.02 4.17 30.68
N VAL A 25 0.14 3.38 30.06
CA VAL A 25 -0.34 3.62 28.71
C VAL A 25 -1.15 4.92 28.68
N HIS A 26 -1.98 5.12 29.71
CA HIS A 26 -2.72 6.36 29.90
C HIS A 26 -1.80 7.60 29.93
N GLN A 27 -0.69 7.52 30.67
CA GLN A 27 0.27 8.63 30.72
C GLN A 27 0.78 8.91 29.30
N GLY A 28 1.09 7.85 28.56
CA GLY A 28 1.52 7.96 27.16
C GLY A 28 0.51 8.62 26.24
N MET A 29 -0.72 8.10 26.22
CA MET A 29 -1.79 8.65 25.37
C MET A 29 -2.01 10.15 25.63
N VAL A 30 -2.13 10.52 26.90
CA VAL A 30 -2.36 11.90 27.34
C VAL A 30 -1.29 12.83 26.79
N ARG A 31 -0.03 12.45 26.97
CA ARG A 31 1.12 13.23 26.48
C ARG A 31 1.06 13.43 24.98
N ALA A 32 0.71 12.36 24.26
CA ALA A 32 0.63 12.42 22.81
C ALA A 32 -0.49 13.35 22.34
N ALA A 33 -1.67 13.26 22.95
CA ALA A 33 -2.80 14.11 22.55
C ALA A 33 -2.50 15.58 22.87
N THR A 34 -2.02 15.82 24.09
CA THR A 34 -1.62 17.17 24.51
C THR A 34 -0.62 17.77 23.53
N VAL A 35 0.41 16.99 23.16
CA VAL A 35 1.42 17.41 22.16
C VAL A 35 0.79 17.75 20.80
N GLY A 36 -0.23 17.00 20.39
CA GLY A 36 -0.90 17.24 19.11
C GLY A 36 -1.77 18.49 19.13
N TYR A 37 -2.45 18.68 20.27
CA TYR A 37 -3.44 19.71 20.41
C TYR A 37 -2.76 21.04 20.71
N GLY A 38 -1.56 20.99 21.27
CA GLY A 38 -0.75 22.15 21.53
C GLY A 38 -0.24 22.78 20.24
N ILE A 39 0.09 21.92 19.28
CA ILE A 39 0.51 22.35 17.96
C ILE A 39 -0.67 22.98 17.22
N LEU A 40 -1.83 22.32 17.31
CA LEU A 40 -3.05 22.84 16.67
C LEU A 40 -3.51 24.18 17.25
N ARG A 41 -3.49 24.31 18.57
CA ARG A 41 -3.92 25.57 19.19
C ARG A 41 -2.92 26.71 19.02
N GLU A 42 -1.66 26.36 18.68
CA GLU A 42 -0.60 27.32 18.41
C GLU A 42 -0.46 27.66 16.91
N GLY A 43 -1.54 27.47 16.14
CA GLY A 43 -1.54 27.78 14.71
C GLY A 43 -0.82 26.77 13.81
N GLY A 44 -0.59 25.56 14.33
CA GLY A 44 0.07 24.51 13.55
C GLY A 44 -0.90 23.67 12.73
N SER A 45 -0.42 23.20 11.58
CA SER A 45 -1.20 22.38 10.65
C SER A 45 -1.59 21.00 11.21
N ALA A 46 -2.45 20.31 10.49
CA ALA A 46 -2.93 19.00 10.87
C ALA A 46 -1.81 17.96 10.73
N VAL A 47 -1.03 18.12 9.66
CA VAL A 47 0.18 17.35 9.42
C VAL A 47 1.19 17.61 10.52
N ASP A 48 1.40 18.88 10.89
CA ASP A 48 2.26 19.24 12.03
C ASP A 48 1.80 18.47 13.28
N ALA A 49 0.50 18.46 13.51
CA ALA A 49 -0.09 17.93 14.74
C ALA A 49 -0.01 16.41 14.90
N VAL A 50 -0.11 15.68 13.79
CA VAL A 50 -0.08 14.21 13.89
C VAL A 50 1.35 13.71 13.96
N GLU A 51 2.28 14.38 13.25
CA GLU A 51 3.69 14.05 13.34
C GLU A 51 4.14 14.25 14.79
N GLY A 52 3.78 15.39 15.38
CA GLY A 52 4.13 15.68 16.77
C GLY A 52 3.57 14.69 17.78
N ALA A 53 2.36 14.20 17.54
CA ALA A 53 1.76 13.24 18.44
C ALA A 53 2.41 11.86 18.32
N VAL A 54 2.63 11.40 17.08
CA VAL A 54 3.26 10.10 16.83
C VAL A 54 4.73 10.11 17.31
N VAL A 55 5.50 11.13 16.95
CA VAL A 55 6.88 11.32 17.47
C VAL A 55 6.97 11.06 18.97
N ALA A 56 6.00 11.59 19.70
CA ALA A 56 5.86 11.36 21.14
C ALA A 56 5.67 9.88 21.55
N LEU A 57 4.88 9.14 20.78
CA LEU A 57 4.66 7.72 21.13
C LEU A 57 5.84 6.88 20.70
N GLU A 58 6.51 7.28 19.62
CA GLU A 58 7.79 6.69 19.19
C GLU A 58 8.86 6.86 20.28
N ASP A 59 8.90 8.07 20.86
CA ASP A 59 9.84 8.40 21.94
C ASP A 59 9.54 7.69 23.23
N ASP A 60 8.28 7.33 23.45
CA ASP A 60 7.89 6.61 24.66
C ASP A 60 8.14 5.10 24.49
N PRO A 61 9.13 4.55 25.22
CA PRO A 61 9.49 3.13 25.13
C PRO A 61 8.36 2.14 25.46
N GLU A 62 7.18 2.66 25.79
CA GLU A 62 6.06 1.80 26.17
C GLU A 62 5.23 1.32 24.97
N PHE A 63 5.29 2.06 23.87
CA PHE A 63 4.45 1.81 22.70
C PHE A 63 5.26 1.26 21.54
N ASN A 64 4.63 0.38 20.76
CA ASN A 64 5.27 -0.34 19.67
C ASN A 64 5.48 0.55 18.44
N ALA A 65 6.31 1.57 18.60
CA ALA A 65 6.80 2.42 17.51
C ALA A 65 8.04 3.11 18.08
N GLY A 66 8.98 3.52 17.22
CA GLY A 66 10.25 4.12 17.68
C GLY A 66 10.91 3.29 18.77
N CYS A 67 11.21 3.93 19.90
CA CYS A 67 11.74 3.21 21.08
C CYS A 67 10.68 2.27 21.63
N GLY A 68 11.04 1.00 21.83
CA GLY A 68 10.09 0.01 22.32
C GLY A 68 9.37 -0.76 21.23
N SER A 69 9.89 -0.68 20.00
CA SER A 69 9.39 -1.53 18.90
C SER A 69 9.55 -3.01 19.29
N VAL A 70 8.70 -3.85 18.73
CA VAL A 70 8.86 -5.30 18.92
C VAL A 70 9.99 -5.81 18.06
N LEU A 71 10.54 -6.97 18.42
CA LEU A 71 11.68 -7.49 17.70
C LEU A 71 11.22 -8.48 16.66
N ASN A 72 11.80 -8.38 15.46
CA ASN A 72 11.56 -9.37 14.43
C ASN A 72 12.12 -10.72 14.88
N THR A 73 12.10 -11.71 14.00
CA THR A 73 12.58 -13.06 14.32
C THR A 73 14.05 -13.05 14.76
N ASN A 74 14.80 -12.04 14.33
CA ASN A 74 16.23 -11.95 14.61
C ASN A 74 16.66 -11.07 15.80
N GLY A 75 15.75 -10.82 16.73
CA GLY A 75 16.05 -9.87 17.80
C GLY A 75 16.52 -8.54 17.23
N GLU A 76 15.74 -8.03 16.27
CA GLU A 76 16.03 -6.76 15.62
C GLU A 76 14.79 -5.88 15.53
N VAL A 77 15.02 -4.57 15.40
CA VAL A 77 13.97 -3.58 15.29
C VAL A 77 13.88 -3.06 13.87
N GLU A 78 12.66 -3.12 13.33
CA GLU A 78 12.36 -2.64 12.00
C GLU A 78 11.02 -1.92 12.03
N MET A 79 10.97 -0.75 11.41
CA MET A 79 9.86 0.17 11.65
C MET A 79 9.19 0.59 10.36
N ASP A 80 7.87 0.66 10.40
CA ASP A 80 7.06 1.17 9.31
C ASP A 80 6.42 2.50 9.71
N ALA A 81 6.28 3.43 8.77
CA ALA A 81 5.56 4.69 9.03
C ALA A 81 4.99 5.31 7.77
N SER A 82 3.87 6.00 7.94
CA SER A 82 3.30 6.81 6.87
C SER A 82 2.50 8.01 7.41
N ILE A 83 2.55 9.11 6.65
CA ILE A 83 1.83 10.33 6.98
C ILE A 83 1.23 10.91 5.71
N MET A 84 0.04 11.51 5.82
CA MET A 84 -0.69 12.01 4.66
C MET A 84 -1.40 13.34 4.93
N ASP A 85 -1.36 14.22 3.94
CA ASP A 85 -2.03 15.51 3.97
C ASP A 85 -3.25 15.48 3.04
N GLY A 86 -4.44 15.67 3.60
CA GLY A 86 -5.68 15.57 2.85
C GLY A 86 -6.03 16.70 1.90
N LYS A 87 -5.27 17.80 1.91
CA LYS A 87 -5.56 18.89 0.97
C LYS A 87 -5.23 18.44 -0.46
N ASP A 88 -3.96 18.14 -0.69
CA ASP A 88 -3.50 17.66 -1.99
C ASP A 88 -3.31 16.15 -2.04
N LEU A 89 -3.65 15.45 -0.96
CA LEU A 89 -3.35 14.02 -0.83
C LEU A 89 -1.86 13.71 -0.90
N SER A 90 -0.99 14.68 -0.60
CA SER A 90 0.45 14.36 -0.54
C SER A 90 0.76 13.38 0.59
N ALA A 91 1.77 12.53 0.41
CA ALA A 91 2.05 11.48 1.37
C ALA A 91 3.53 11.15 1.46
N GLY A 92 3.91 10.61 2.62
CA GLY A 92 5.26 10.11 2.87
C GLY A 92 5.18 8.80 3.64
N ALA A 93 6.08 7.87 3.35
CA ALA A 93 6.05 6.55 3.98
C ALA A 93 7.39 5.85 3.94
N VAL A 94 7.74 5.19 5.04
CA VAL A 94 8.94 4.36 5.09
C VAL A 94 8.60 2.96 5.62
N SER A 95 9.35 1.97 5.16
CA SER A 95 9.19 0.61 5.64
C SER A 95 10.55 -0.03 5.92
N ALA A 96 10.59 -0.86 6.97
CA ALA A 96 11.85 -1.52 7.39
C ALA A 96 13.03 -0.57 7.60
N VAL A 97 12.76 0.64 8.10
CA VAL A 97 13.82 1.57 8.47
C VAL A 97 14.51 1.11 9.76
N GLN A 98 15.79 1.43 9.90
CA GLN A 98 16.61 0.91 11.00
C GLN A 98 17.52 1.95 11.63
N CYS A 99 17.85 1.75 12.92
CA CYS A 99 18.79 2.60 13.66
C CYS A 99 18.54 4.11 13.51
N ILE A 100 17.27 4.49 13.61
CA ILE A 100 16.84 5.90 13.71
C ILE A 100 15.73 5.96 14.75
N ALA A 101 15.59 7.10 15.41
CA ALA A 101 14.68 7.23 16.56
C ALA A 101 13.23 7.40 16.12
N ASN A 102 13.02 8.25 15.12
CA ASN A 102 11.68 8.65 14.71
C ASN A 102 11.38 8.44 13.23
N PRO A 103 10.81 7.27 12.88
CA PRO A 103 10.37 6.93 11.53
C PRO A 103 9.31 7.87 10.93
N ILE A 104 8.41 8.42 11.74
CA ILE A 104 7.37 9.32 11.20
C ILE A 104 8.03 10.61 10.72
N LYS A 105 9.05 11.06 11.46
CA LYS A 105 9.81 12.24 11.04
C LYS A 105 10.51 11.95 9.74
N LEU A 106 10.95 10.70 9.55
CA LEU A 106 11.59 10.33 8.30
C LEU A 106 10.54 10.29 7.19
N ALA A 107 9.33 9.84 7.54
CA ALA A 107 8.23 9.77 6.58
C ALA A 107 7.89 11.13 6.00
N ARG A 108 7.84 12.16 6.84
CA ARG A 108 7.45 13.50 6.40
C ARG A 108 8.51 14.13 5.49
N LEU A 109 9.76 13.73 5.67
CA LEU A 109 10.86 14.22 4.84
C LEU A 109 10.82 13.61 3.42
N VAL A 110 10.24 12.41 3.29
CA VAL A 110 9.95 11.78 1.99
C VAL A 110 8.84 12.54 1.25
N MET A 111 7.72 12.76 1.95
CA MET A 111 6.68 13.67 1.49
C MET A 111 7.24 15.01 0.96
N GLU A 112 7.96 15.74 1.81
CA GLU A 112 8.39 17.12 1.49
C GLU A 112 9.62 17.24 0.57
N LYS A 113 10.55 16.30 0.67
CA LYS A 113 11.90 16.47 0.11
C LYS A 113 12.25 15.58 -1.08
N THR A 114 11.30 14.76 -1.53
CA THR A 114 11.58 13.85 -2.65
C THR A 114 10.48 13.97 -3.67
N PRO A 115 10.73 13.51 -4.91
CA PRO A 115 9.58 13.36 -5.79
C PRO A 115 8.95 11.97 -5.61
N HIS A 116 9.08 11.39 -4.42
CA HIS A 116 8.49 10.07 -4.14
C HIS A 116 7.59 10.12 -2.90
N CYS A 117 6.92 9.01 -2.59
CA CYS A 117 6.05 8.90 -1.40
C CYS A 117 6.43 7.76 -0.46
N PHE A 118 7.31 6.85 -0.91
CA PHE A 118 7.48 5.58 -0.23
C PHE A 118 8.92 5.11 -0.44
N LEU A 119 9.69 5.06 0.64
CA LEU A 119 11.03 4.50 0.63
C LEU A 119 11.13 3.34 1.59
N THR A 120 12.09 2.44 1.34
CA THR A 120 12.19 1.24 2.15
C THR A 120 13.67 0.89 2.45
N ASP A 121 13.90 0.32 3.64
CA ASP A 121 15.18 -0.34 4.02
C ASP A 121 16.45 0.44 3.67
N GLN A 122 17.30 -0.14 2.83
CA GLN A 122 18.61 0.41 2.48
C GLN A 122 18.53 1.79 1.83
N GLY A 123 17.49 2.02 1.04
CA GLY A 123 17.35 3.29 0.34
C GLY A 123 16.91 4.40 1.28
N ALA A 124 16.03 4.04 2.20
CA ALA A 124 15.56 4.97 3.22
C ALA A 124 16.68 5.32 4.19
N ALA A 125 17.40 4.29 4.65
CA ALA A 125 18.57 4.51 5.48
C ALA A 125 19.53 5.48 4.79
N GLN A 126 19.77 5.30 3.49
CA GLN A 126 20.64 6.21 2.73
C GLN A 126 20.04 7.62 2.61
N PHE A 127 18.71 7.70 2.50
CA PHE A 127 18.01 8.98 2.49
C PHE A 127 18.10 9.66 3.86
N ALA A 128 17.92 8.89 4.92
CA ALA A 128 18.01 9.42 6.27
C ALA A 128 19.35 10.14 6.43
N ALA A 129 20.43 9.49 6.02
CA ALA A 129 21.76 10.07 6.14
C ALA A 129 21.88 11.41 5.41
N ALA A 130 21.47 11.45 4.14
CA ALA A 130 21.50 12.68 3.35
C ALA A 130 20.68 13.82 4.00
N MET A 131 19.65 13.45 4.77
CA MET A 131 18.82 14.40 5.51
C MET A 131 19.39 14.73 6.90
N GLY A 132 20.54 14.17 7.23
CA GLY A 132 21.17 14.46 8.51
C GLY A 132 20.49 13.80 9.69
N VAL A 133 19.55 12.90 9.43
CA VAL A 133 18.89 12.14 10.51
C VAL A 133 19.92 11.21 11.17
N PRO A 134 20.08 11.32 12.51
CA PRO A 134 21.10 10.54 13.23
C PRO A 134 20.92 9.03 13.14
N GLU A 135 22.04 8.31 13.18
CA GLU A 135 22.01 6.85 13.18
C GLU A 135 22.28 6.43 14.62
N ILE A 136 21.23 6.00 15.30
CA ILE A 136 21.30 5.78 16.74
C ILE A 136 21.36 4.30 17.14
N PRO A 137 22.15 3.98 18.20
CA PRO A 137 22.27 2.61 18.70
C PRO A 137 20.94 1.85 18.59
N GLY A 138 20.98 0.73 17.85
CA GLY A 138 19.77 -0.03 17.56
C GLY A 138 19.23 -0.68 18.83
N GLU A 139 20.16 -1.06 19.71
CA GLU A 139 19.87 -1.61 21.02
C GLU A 139 19.26 -0.58 21.99
N LYS A 140 19.43 0.71 21.71
CA LYS A 140 18.73 1.74 22.49
C LYS A 140 17.24 1.86 22.11
N LEU A 141 16.88 1.23 21.00
CA LEU A 141 15.48 1.04 20.61
C LEU A 141 14.97 -0.28 21.22
N VAL A 142 15.92 -1.16 21.54
CA VAL A 142 15.60 -2.46 22.11
C VAL A 142 15.48 -2.35 23.62
N THR A 143 14.26 -2.56 24.12
CA THR A 143 13.97 -2.63 25.55
C THR A 143 14.21 -4.05 26.08
N GLU A 144 14.26 -4.19 27.41
CA GLU A 144 14.45 -5.50 28.05
C GLU A 144 13.24 -6.38 27.79
N ARG A 145 12.05 -5.80 27.97
CA ARG A 145 10.78 -6.49 27.78
C ARG A 145 10.65 -7.09 26.37
N ASN A 146 11.05 -6.32 25.34
CA ASN A 146 10.94 -6.80 23.96
C ASN A 146 11.97 -7.87 23.60
N LYS A 147 13.08 -7.89 24.33
CA LYS A 147 14.06 -8.97 24.22
C LYS A 147 13.45 -10.20 24.90
N LYS A 148 12.68 -9.96 25.97
CA LYS A 148 12.02 -11.04 26.73
C LYS A 148 10.81 -11.62 26.02
N ARG A 149 9.87 -10.77 25.59
CA ARG A 149 8.61 -11.21 24.99
C ARG A 149 8.83 -11.98 23.68
N LEU A 150 9.89 -11.60 22.97
CA LEU A 150 10.34 -12.33 21.79
C LEU A 150 10.75 -13.74 22.17
N GLU A 151 11.55 -13.85 23.24
CA GLU A 151 12.01 -15.14 23.76
C GLU A 151 10.86 -16.05 24.16
N LYS A 152 9.86 -15.49 24.84
CA LYS A 152 8.67 -16.25 25.18
C LYS A 152 7.56 -16.00 24.15
N LEU A 168 0.12 -4.86 23.13
CA LEU A 168 0.70 -3.72 22.41
C LEU A 168 0.35 -3.79 20.91
N GLY A 169 0.62 -2.70 20.19
CA GLY A 169 0.33 -2.60 18.75
C GLY A 169 0.76 -1.29 18.07
N THR A 170 0.38 -1.17 16.80
CA THR A 170 0.60 0.02 15.97
C THR A 170 -0.03 1.26 16.61
N VAL A 171 0.69 2.39 16.63
CA VAL A 171 0.16 3.67 17.15
C VAL A 171 -0.22 4.66 16.03
N GLY A 172 -0.93 5.73 16.38
CA GLY A 172 -1.35 6.68 15.37
C GLY A 172 -2.05 7.94 15.82
N ALA A 173 -2.31 8.83 14.86
CA ALA A 173 -2.97 10.10 15.13
C ALA A 173 -3.69 10.60 13.89
N VAL A 174 -4.89 11.11 14.07
CA VAL A 174 -5.55 11.89 13.05
C VAL A 174 -5.74 13.31 13.61
N ALA A 175 -5.98 14.27 12.73
CA ALA A 175 -6.33 15.59 13.21
C ALA A 175 -7.12 16.35 12.15
N LEU A 176 -7.94 17.31 12.59
CA LEU A 176 -8.53 18.31 11.71
C LEU A 176 -8.01 19.67 12.19
N ASP A 177 -7.42 20.47 11.31
CA ASP A 177 -6.86 21.77 11.74
C ASP A 177 -7.87 22.90 11.68
N CYS A 178 -7.46 24.10 12.12
CA CYS A 178 -8.41 25.23 12.15
C CYS A 178 -8.81 25.68 10.73
N LYS A 179 -7.88 25.54 9.78
CA LYS A 179 -8.15 25.83 8.37
C LYS A 179 -9.04 24.77 7.68
N GLY A 180 -9.29 23.66 8.36
CA GLY A 180 -10.15 22.59 7.82
C GLY A 180 -9.45 21.48 7.06
N ASN A 181 -8.15 21.34 7.28
CA ASN A 181 -7.35 20.27 6.67
C ASN A 181 -7.27 19.03 7.55
N VAL A 182 -7.24 17.84 6.95
CA VAL A 182 -7.10 16.58 7.69
C VAL A 182 -5.83 15.81 7.31
N ALA A 183 -5.33 15.04 8.29
CA ALA A 183 -4.07 14.33 8.18
C ALA A 183 -4.12 13.07 9.05
N TYR A 184 -3.36 12.06 8.68
CA TYR A 184 -3.13 10.92 9.59
C TYR A 184 -1.65 10.66 9.63
N ALA A 185 -1.21 10.13 10.75
CA ALA A 185 0.13 9.59 10.87
C ALA A 185 0.04 8.29 11.61
N THR A 186 0.80 7.29 11.18
CA THR A 186 0.81 5.98 11.78
C THR A 186 2.23 5.43 11.74
N SER A 187 2.67 4.87 12.87
CA SER A 187 4.03 4.32 12.99
C SER A 187 3.98 3.04 13.81
N THR A 188 4.73 2.03 13.38
CA THR A 188 4.77 0.79 14.14
C THR A 188 6.15 0.13 14.16
N GLY A 189 6.32 -0.80 15.09
CA GLY A 189 7.41 -1.76 15.06
C GLY A 189 6.94 -3.06 14.40
N GLY A 190 5.64 -3.15 14.18
CA GLY A 190 4.99 -4.32 13.57
C GLY A 190 4.50 -5.33 14.59
N ILE A 191 4.80 -6.61 14.35
CA ILE A 191 4.32 -7.69 15.22
C ILE A 191 5.48 -8.59 15.68
N VAL A 192 5.43 -9.06 16.93
CA VAL A 192 6.56 -9.80 17.54
C VAL A 192 6.99 -11.04 16.73
N ASN A 193 8.30 -11.18 16.50
CA ASN A 193 8.89 -12.29 15.74
C ASN A 193 8.47 -12.37 14.27
N LYS A 194 8.37 -11.20 13.63
CA LYS A 194 8.09 -11.13 12.21
C LYS A 194 9.35 -11.46 11.43
N MET A 195 9.17 -11.96 10.21
CA MET A 195 10.29 -12.22 9.32
C MET A 195 11.05 -10.93 9.05
N VAL A 196 12.32 -11.08 8.69
CA VAL A 196 13.17 -9.97 8.27
C VAL A 196 12.54 -9.23 7.09
N GLY A 197 12.40 -7.92 7.27
CA GLY A 197 11.87 -7.05 6.25
C GLY A 197 10.42 -7.33 5.91
N ARG A 198 9.65 -7.75 6.91
CA ARG A 198 8.20 -7.86 6.79
C ARG A 198 7.63 -6.47 6.94
N VAL A 199 6.79 -6.10 5.95
CA VAL A 199 6.10 -4.80 5.96
C VAL A 199 4.62 -5.08 6.23
N GLY A 200 4.04 -4.35 7.17
CA GLY A 200 2.62 -4.43 7.43
C GLY A 200 1.86 -3.39 6.62
N ASP A 201 0.72 -2.98 7.17
CA ASP A 201 -0.15 -1.99 6.54
C ASP A 201 0.36 -0.57 6.77
N SER A 202 1.08 -0.35 7.87
CA SER A 202 1.36 1.01 8.36
C SER A 202 1.98 2.00 7.37
N PRO A 203 2.78 1.53 6.39
CA PRO A 203 3.25 2.45 5.36
C PRO A 203 2.55 2.31 4.00
N CYS A 204 1.40 1.65 4.00
CA CYS A 204 0.63 1.45 2.79
C CYS A 204 -0.63 2.32 2.81
N LEU A 205 -0.65 3.35 1.97
CA LEU A 205 -1.72 4.34 1.96
C LEU A 205 -3.07 3.68 1.66
N GLY A 206 -4.05 3.91 2.53
CA GLY A 206 -5.38 3.31 2.37
C GLY A 206 -5.61 2.13 3.28
N ALA A 207 -4.52 1.50 3.72
CA ALA A 207 -4.54 0.46 4.74
C ALA A 207 -4.10 1.09 6.06
N GLY A 208 -2.85 1.53 6.12
CA GLY A 208 -2.28 2.08 7.37
C GLY A 208 -2.95 3.37 7.82
N GLY A 209 -3.44 4.12 6.84
CA GLY A 209 -4.14 5.38 7.07
C GLY A 209 -4.60 5.95 5.74
N TYR A 210 -5.49 6.95 5.80
CA TYR A 210 -5.88 7.77 4.66
C TYR A 210 -6.48 9.08 5.15
N ALA A 211 -6.18 10.15 4.41
CA ALA A 211 -6.62 11.51 4.74
C ALA A 211 -7.00 12.23 3.45
N ASP A 212 -8.19 12.84 3.47
CA ASP A 212 -8.74 13.49 2.30
C ASP A 212 -9.67 14.59 2.79
N ASN A 213 -9.27 15.85 2.57
CA ASN A 213 -10.05 17.00 3.08
C ASN A 213 -11.52 16.90 2.74
N ASP A 214 -11.82 16.21 1.64
CA ASP A 214 -13.19 16.09 1.15
C ASP A 214 -13.99 14.95 1.79
N ILE A 215 -13.36 14.20 2.71
CA ILE A 215 -14.11 13.19 3.49
C ILE A 215 -13.77 13.30 4.97
N GLY A 216 -12.51 13.01 5.27
CA GLY A 216 -11.99 13.00 6.60
C GLY A 216 -10.69 12.23 6.60
N ALA A 217 -10.28 11.75 7.77
CA ALA A 217 -9.01 11.04 7.96
C ALA A 217 -9.10 9.93 9.02
N VAL A 218 -8.46 8.80 8.69
CA VAL A 218 -8.53 7.56 9.44
C VAL A 218 -7.10 7.09 9.69
N SER A 219 -6.85 6.55 10.88
CA SER A 219 -5.61 5.80 11.14
C SER A 219 -6.01 4.43 11.65
N THR A 220 -5.26 3.38 11.28
CA THR A 220 -5.64 2.03 11.67
C THR A 220 -4.57 1.30 12.50
N THR A 221 -5.02 0.31 13.27
CA THR A 221 -4.14 -0.51 14.05
C THR A 221 -4.69 -1.95 14.22
N GLY A 222 -3.81 -2.88 14.56
CA GLY A 222 -4.15 -4.31 14.70
C GLY A 222 -3.30 -5.19 13.79
N HIS A 223 -3.74 -6.43 13.55
CA HIS A 223 -3.10 -7.37 12.60
C HIS A 223 -3.04 -6.75 11.20
N GLY A 224 -1.83 -6.46 10.77
CA GLY A 224 -1.57 -5.64 9.60
C GLY A 224 -1.86 -6.34 8.31
N GLU A 225 -1.77 -7.67 8.34
CA GLU A 225 -2.08 -8.48 7.17
C GLU A 225 -3.54 -8.32 6.82
N SER A 226 -4.41 -8.37 7.82
CA SER A 226 -5.84 -8.16 7.62
C SER A 226 -6.15 -6.75 7.09
N ILE A 227 -5.44 -5.74 7.62
CA ILE A 227 -5.67 -4.34 7.32
C ILE A 227 -5.27 -3.99 5.89
N LEU A 228 -4.16 -4.56 5.43
CA LEU A 228 -3.79 -4.50 4.02
C LEU A 228 -4.84 -5.13 3.13
N LYS A 229 -5.39 -6.26 3.58
CA LYS A 229 -6.27 -7.04 2.70
C LYS A 229 -7.53 -6.26 2.37
N VAL A 230 -8.17 -5.68 3.38
CA VAL A 230 -9.43 -4.96 3.16
C VAL A 230 -9.34 -3.48 2.83
N ASN A 231 -8.12 -2.95 2.64
CA ASN A 231 -7.94 -1.50 2.49
C ASN A 231 -8.76 -0.79 3.59
N LEU A 232 -8.47 -1.09 4.87
CA LEU A 232 -9.35 -0.65 5.98
C LEU A 232 -9.64 0.87 6.09
N ALA A 233 -8.61 1.68 5.95
CA ALA A 233 -8.73 3.14 6.08
C ALA A 233 -9.61 3.79 5.00
N ARG A 234 -9.30 3.52 3.73
CA ARG A 234 -10.10 3.99 2.59
C ARG A 234 -11.53 3.41 2.59
N LEU A 235 -11.71 2.20 3.11
CA LEU A 235 -13.05 1.62 3.21
C LEU A 235 -13.92 2.38 4.19
N THR A 236 -13.37 2.63 5.37
CA THR A 236 -14.07 3.41 6.37
C THR A 236 -14.59 4.71 5.75
N LEU A 237 -13.72 5.36 4.98
CA LEU A 237 -14.02 6.60 4.29
C LEU A 237 -15.03 6.44 3.15
N PHE A 238 -14.99 5.29 2.46
CA PHE A 238 -16.00 4.92 1.48
CA PHE A 238 -16.00 4.95 1.46
C PHE A 238 -17.40 4.93 2.08
N HIS A 239 -17.53 4.43 3.31
CA HIS A 239 -18.80 4.44 4.01
C HIS A 239 -19.19 5.87 4.43
N ILE A 240 -18.23 6.62 4.97
CA ILE A 240 -18.44 8.04 5.24
C ILE A 240 -18.89 8.81 4.00
N GLU A 241 -18.39 8.43 2.82
CA GLU A 241 -18.88 8.98 1.56
C GLU A 241 -20.35 8.66 1.27
N GLN A 242 -20.82 7.51 1.73
CA GLN A 242 -22.17 7.01 1.43
C GLN A 242 -23.25 7.59 2.36
N GLY A 243 -22.85 8.37 3.34
CA GLY A 243 -23.81 8.94 4.29
C GLY A 243 -23.81 8.26 5.64
N LYS A 244 -23.04 7.18 5.76
CA LYS A 244 -22.83 6.53 7.07
C LYS A 244 -22.09 7.50 8.00
N THR A 245 -22.43 7.51 9.29
CA THR A 245 -21.70 8.35 10.24
C THR A 245 -20.37 7.67 10.60
N VAL A 246 -19.50 8.40 11.30
CA VAL A 246 -18.18 7.87 11.63
C VAL A 246 -18.25 6.55 12.41
N GLU A 247 -19.01 6.51 13.51
CA GLU A 247 -19.15 5.26 14.26
C GLU A 247 -19.71 4.14 13.39
N GLU A 248 -20.77 4.43 12.62
CA GLU A 248 -21.41 3.46 11.71
C GLU A 248 -20.40 2.88 10.71
N ALA A 249 -19.65 3.79 10.07
CA ALA A 249 -18.67 3.46 9.03
C ALA A 249 -17.52 2.66 9.61
N ALA A 250 -17.12 3.05 10.82
CA ALA A 250 -16.09 2.38 11.58
C ALA A 250 -16.53 0.95 11.93
N ASP A 251 -17.79 0.79 12.30
CA ASP A 251 -18.34 -0.53 12.61
C ASP A 251 -18.47 -1.43 11.40
N LEU A 252 -18.76 -0.87 10.22
CA LEU A 252 -18.89 -1.67 9.01
C LEU A 252 -17.56 -2.22 8.48
N SER A 253 -16.54 -1.36 8.42
CA SER A 253 -15.21 -1.75 7.92
C SER A 253 -14.51 -2.72 8.87
N LEU A 254 -14.44 -2.35 10.14
CA LEU A 254 -13.93 -3.26 11.18
C LEU A 254 -14.75 -4.54 11.27
N GLY A 255 -16.05 -4.45 10.95
CA GLY A 255 -16.92 -5.64 11.01
C GLY A 255 -16.62 -6.55 9.84
N TYR A 256 -16.28 -5.91 8.71
CA TYR A 256 -16.03 -6.61 7.48
C TYR A 256 -14.64 -7.28 7.47
N MET A 257 -13.67 -6.67 8.15
CA MET A 257 -12.33 -7.25 8.28
C MET A 257 -12.43 -8.56 9.06
N LYS A 258 -13.21 -8.54 10.15
CA LYS A 258 -13.49 -9.71 10.99
C LYS A 258 -14.27 -10.80 10.24
N SER A 259 -15.34 -10.42 9.56
CA SER A 259 -16.12 -11.37 8.75
C SER A 259 -15.33 -11.93 7.56
N ARG A 260 -14.84 -11.04 6.70
CA ARG A 260 -14.17 -11.46 5.46
C ARG A 260 -12.76 -12.09 5.66
N VAL A 261 -11.91 -11.46 6.45
CA VAL A 261 -10.54 -11.95 6.57
C VAL A 261 -10.21 -12.48 7.97
N LYS A 262 -11.22 -12.59 8.84
CA LYS A 262 -11.03 -12.97 10.25
C LYS A 262 -9.91 -12.15 10.94
N GLY A 263 -9.90 -10.84 10.71
CA GLY A 263 -8.92 -9.94 11.31
C GLY A 263 -9.53 -8.97 12.29
N LEU A 264 -8.80 -8.71 13.37
CA LEU A 264 -9.22 -7.82 14.45
C LEU A 264 -8.33 -6.61 14.45
N GLY A 265 -8.81 -5.51 15.02
CA GLY A 265 -8.00 -4.31 15.18
C GLY A 265 -8.81 -3.08 15.55
N GLY A 266 -8.26 -1.90 15.30
CA GLY A 266 -8.99 -0.68 15.60
C GLY A 266 -8.67 0.47 14.69
N LEU A 267 -9.43 1.56 14.84
CA LEU A 267 -9.16 2.75 14.08
C LEU A 267 -9.68 4.01 14.74
N ILE A 268 -9.13 5.14 14.32
CA ILE A 268 -9.61 6.45 14.69
C ILE A 268 -9.94 7.18 13.40
N VAL A 269 -11.00 7.97 13.45
CA VAL A 269 -11.44 8.70 12.26
C VAL A 269 -11.91 10.07 12.69
N VAL A 270 -11.55 11.07 11.89
CA VAL A 270 -12.08 12.42 12.05
C VAL A 270 -12.61 12.87 10.69
N SER A 271 -13.87 13.29 10.66
CA SER A 271 -14.50 13.68 9.41
C SER A 271 -14.31 15.17 9.19
N LYS A 272 -14.62 15.63 7.98
CA LYS A 272 -14.42 17.03 7.58
C LYS A 272 -15.24 17.99 8.43
N THR A 273 -16.41 17.54 8.90
CA THR A 273 -17.27 18.35 9.74
C THR A 273 -16.75 18.42 11.18
N GLY A 274 -15.89 17.46 11.55
CA GLY A 274 -15.28 17.45 12.89
C GLY A 274 -15.77 16.35 13.81
N ASP A 275 -16.62 15.47 13.31
CA ASP A 275 -17.07 14.30 14.05
C ASP A 275 -15.97 13.24 14.06
N TRP A 276 -15.81 12.55 15.19
CA TRP A 276 -14.70 11.64 15.37
C TRP A 276 -15.14 10.38 16.07
N VAL A 277 -14.36 9.31 15.92
CA VAL A 277 -14.58 8.13 16.75
C VAL A 277 -13.34 7.24 16.94
N ALA A 278 -13.28 6.59 18.09
CA ALA A 278 -12.34 5.51 18.35
C ALA A 278 -13.13 4.22 18.47
N LYS A 279 -12.73 3.21 17.70
CA LYS A 279 -13.48 1.96 17.60
C LYS A 279 -12.51 0.81 17.35
N TRP A 280 -12.77 -0.32 18.00
CA TRP A 280 -11.90 -1.50 17.88
C TRP A 280 -12.68 -2.81 18.06
N THR A 281 -12.28 -3.85 17.32
CA THR A 281 -12.81 -5.22 17.51
C THR A 281 -11.87 -6.08 18.36
N SER A 282 -10.65 -5.59 18.50
CA SER A 282 -9.67 -6.07 19.47
C SER A 282 -10.17 -5.87 20.91
N THR A 283 -9.46 -6.45 21.87
CA THR A 283 -9.86 -6.36 23.29
C THR A 283 -9.74 -4.93 23.76
N SER A 284 -8.54 -4.39 23.60
CA SER A 284 -8.17 -3.06 24.02
C SER A 284 -7.72 -2.26 22.83
N MET A 285 -7.88 -0.94 22.93
CA MET A 285 -7.18 0.00 22.07
C MET A 285 -6.98 1.32 22.80
N PRO A 286 -5.79 1.54 23.37
CA PRO A 286 -5.59 2.87 23.95
C PRO A 286 -5.88 3.94 22.91
N TRP A 287 -6.49 5.03 23.36
CA TRP A 287 -6.85 6.13 22.52
C TRP A 287 -7.05 7.39 23.38
N ALA A 288 -6.76 8.54 22.80
CA ALA A 288 -7.11 9.81 23.44
C ALA A 288 -7.49 10.83 22.38
N ALA A 289 -8.50 11.64 22.68
CA ALA A 289 -9.02 12.64 21.76
C ALA A 289 -8.96 14.03 22.39
N ALA A 290 -8.72 15.06 21.59
CA ALA A 290 -8.73 16.42 22.12
C ALA A 290 -9.54 17.35 21.24
N LYS A 291 -10.39 18.15 21.88
CA LYS A 291 -11.26 19.11 21.19
C LYS A 291 -12.02 19.92 22.25
N ASP A 292 -12.47 21.12 21.88
CA ASP A 292 -13.27 21.99 22.78
C ASP A 292 -12.75 22.05 24.22
N GLY A 293 -11.42 22.13 24.34
CA GLY A 293 -10.76 22.28 25.64
C GLY A 293 -10.88 21.09 26.57
N LYS A 294 -11.15 19.91 26.00
CA LYS A 294 -11.38 18.70 26.77
C LYS A 294 -10.54 17.54 26.24
N LEU A 295 -10.16 16.62 27.14
CA LEU A 295 -9.48 15.39 26.77
C LEU A 295 -10.39 14.16 26.97
N HIS A 296 -10.38 13.27 25.99
CA HIS A 296 -11.15 12.02 26.04
C HIS A 296 -10.20 10.82 25.98
N PHE A 297 -10.39 9.84 26.87
CA PHE A 297 -9.50 8.68 26.90
C PHE A 297 -10.26 7.38 27.18
N GLY A 298 -9.61 6.27 26.85
CA GLY A 298 -10.13 4.94 27.11
C GLY A 298 -9.17 3.91 26.61
N ILE A 299 -9.37 2.67 27.03
CA ILE A 299 -8.58 1.51 26.59
C ILE A 299 -9.56 0.38 26.35
N ASP A 300 -10.53 0.25 27.27
CA ASP A 300 -11.56 -0.79 27.22
C ASP A 300 -12.89 -0.29 26.67
N PRO A 301 -13.64 -1.15 25.95
CA PRO A 301 -14.94 -0.75 25.44
C PRO A 301 -15.86 -0.30 26.59
N ASP A 302 -16.37 0.93 26.50
CA ASP A 302 -17.22 1.55 27.53
C ASP A 302 -16.48 1.76 28.87
N ASP A 303 -15.54 2.71 28.88
CA ASP A 303 -14.88 3.17 30.11
C ASP A 303 -14.36 4.62 29.99
N THR A 304 -14.94 5.36 29.04
CA THR A 304 -14.49 6.71 28.70
C THR A 304 -14.46 7.67 29.89
N THR A 305 -13.42 8.50 29.93
CA THR A 305 -13.32 9.58 30.93
C THR A 305 -12.99 10.89 30.24
N ILE A 306 -13.83 11.89 30.48
CA ILE A 306 -13.67 13.21 29.87
C ILE A 306 -13.19 14.19 30.92
N THR A 307 -11.92 14.57 30.82
CA THR A 307 -11.34 15.57 31.73
C THR A 307 -11.07 16.88 30.99
N ASP A 308 -10.80 17.94 31.75
CA ASP A 308 -10.39 19.22 31.16
C ASP A 308 -8.93 19.17 30.74
N LEU A 309 -8.63 19.82 29.63
CA LEU A 309 -7.26 19.92 29.16
C LEU A 309 -6.51 20.98 29.99
N PRO A 310 -5.25 20.69 30.38
CA PRO A 310 -4.36 21.67 31.01
C PRO A 310 -4.25 22.98 30.24
N HIS B 2 -20.53 -22.65 -15.18
CA HIS B 2 -19.26 -22.02 -14.76
C HIS B 2 -18.92 -20.88 -15.72
N MET B 3 -18.02 -19.99 -15.31
CA MET B 3 -17.74 -18.76 -16.08
C MET B 3 -16.81 -18.99 -17.27
N ASN B 4 -16.96 -18.15 -18.30
CA ASN B 4 -16.01 -18.09 -19.43
C ASN B 4 -14.72 -17.40 -18.99
N PRO B 5 -13.59 -18.12 -19.03
CA PRO B 5 -12.35 -17.51 -18.56
C PRO B 5 -11.88 -16.33 -19.42
N ILE B 6 -11.39 -15.29 -18.74
CA ILE B 6 -10.78 -14.15 -19.41
C ILE B 6 -9.45 -13.80 -18.73
N VAL B 7 -8.45 -13.52 -19.57
CA VAL B 7 -7.19 -12.96 -19.11
C VAL B 7 -7.04 -11.58 -19.75
N VAL B 8 -6.67 -10.58 -18.95
CA VAL B 8 -6.32 -9.28 -19.50
C VAL B 8 -4.91 -8.92 -19.07
N VAL B 9 -4.13 -8.38 -20.00
CA VAL B 9 -2.73 -8.11 -19.79
C VAL B 9 -2.44 -6.66 -20.18
N HIS B 10 -1.54 -6.01 -19.46
CA HIS B 10 -1.15 -4.66 -19.85
C HIS B 10 0.37 -4.45 -19.79
N GLY B 11 0.87 -3.65 -20.72
CA GLY B 11 2.24 -3.16 -20.65
C GLY B 11 2.23 -1.89 -19.82
N GLY B 12 3.28 -1.10 -19.95
CA GLY B 12 3.36 0.13 -19.19
C GLY B 12 2.59 1.24 -19.84
N GLY B 13 1.80 1.95 -19.04
CA GLY B 13 1.30 3.26 -19.40
C GLY B 13 2.55 4.05 -19.78
N ALA B 14 2.45 4.78 -20.88
CA ALA B 14 3.62 5.35 -21.51
C ALA B 14 3.23 6.52 -22.40
N GLY B 15 4.24 7.26 -22.86
CA GLY B 15 4.03 8.29 -23.86
C GLY B 15 3.97 7.63 -25.22
N PRO B 16 4.16 8.41 -26.29
CA PRO B 16 4.24 7.88 -27.65
C PRO B 16 5.27 6.76 -27.77
N ILE B 17 4.92 5.70 -28.49
CA ILE B 17 5.83 4.59 -28.74
C ILE B 17 6.34 4.70 -30.18
N SER B 18 7.58 4.27 -30.42
CA SER B 18 8.12 4.31 -31.79
C SER B 18 7.68 3.07 -32.56
N LYS B 19 7.53 3.24 -33.87
CA LYS B 19 6.99 2.27 -34.85
C LYS B 19 7.60 0.86 -34.83
N ASP B 20 8.27 0.52 -33.75
CA ASP B 20 9.36 -0.42 -33.82
C ASP B 20 9.33 -1.23 -32.55
N ARG B 21 9.41 -0.52 -31.43
CA ARG B 21 8.98 -1.03 -30.15
C ARG B 21 7.56 -1.60 -30.33
N LYS B 22 6.76 -0.89 -31.13
CA LYS B 22 5.37 -1.26 -31.40
C LYS B 22 5.23 -2.69 -31.88
N GLU B 23 6.20 -3.12 -32.69
CA GLU B 23 6.19 -4.47 -33.26
C GLU B 23 6.46 -5.53 -32.21
N ARG B 24 7.52 -5.34 -31.44
CA ARG B 24 7.94 -6.30 -30.41
C ARG B 24 7.03 -6.24 -29.19
N VAL B 25 6.45 -5.06 -28.94
CA VAL B 25 5.46 -4.88 -27.88
C VAL B 25 4.22 -5.72 -28.13
N HIS B 26 3.68 -5.62 -29.35
CA HIS B 26 2.54 -6.43 -29.77
C HIS B 26 2.74 -7.91 -29.44
N GLN B 27 3.81 -8.49 -29.99
CA GLN B 27 4.10 -9.90 -29.79
C GLN B 27 4.39 -10.24 -28.33
N GLY B 28 4.95 -9.28 -27.60
CA GLY B 28 5.16 -9.43 -26.14
C GLY B 28 3.83 -9.55 -25.43
N MET B 29 2.87 -8.69 -25.82
CA MET B 29 1.53 -8.69 -25.26
C MET B 29 0.73 -9.91 -25.67
N VAL B 30 0.95 -10.34 -26.91
CA VAL B 30 0.30 -11.51 -27.45
C VAL B 30 0.82 -12.75 -26.74
N ARG B 31 2.14 -12.80 -26.52
CA ARG B 31 2.75 -13.93 -25.84
C ARG B 31 2.23 -14.11 -24.41
N ALA B 32 2.13 -13.02 -23.65
CA ALA B 32 1.67 -13.11 -22.26
C ALA B 32 0.18 -13.48 -22.14
N ALA B 33 -0.67 -12.78 -22.91
CA ALA B 33 -2.09 -13.10 -22.96
C ALA B 33 -2.34 -14.56 -23.37
N THR B 34 -1.42 -15.08 -24.17
CA THR B 34 -1.45 -16.46 -24.67
C THR B 34 -1.15 -17.46 -23.56
N VAL B 35 -0.21 -17.12 -22.69
CA VAL B 35 0.15 -18.00 -21.57
C VAL B 35 -0.93 -17.95 -20.49
N GLY B 36 -1.30 -16.75 -20.08
CA GLY B 36 -2.42 -16.56 -19.17
C GLY B 36 -3.64 -17.37 -19.56
N TYR B 37 -4.00 -17.35 -20.85
CA TYR B 37 -5.20 -18.04 -21.32
C TYR B 37 -4.94 -19.56 -21.35
N GLY B 38 -3.91 -19.99 -22.05
CA GLY B 38 -3.47 -21.38 -22.00
C GLY B 38 -3.58 -22.01 -20.62
N ILE B 39 -3.25 -21.23 -19.59
CA ILE B 39 -3.37 -21.67 -18.19
C ILE B 39 -4.83 -21.90 -17.74
N LEU B 40 -5.73 -21.03 -18.19
CA LEU B 40 -7.15 -21.16 -17.83
C LEU B 40 -7.89 -22.22 -18.68
N ARG B 41 -7.39 -22.50 -19.88
CA ARG B 41 -7.97 -23.58 -20.70
C ARG B 41 -7.65 -24.97 -20.12
N GLU B 42 -6.47 -25.09 -19.52
CA GLU B 42 -6.06 -26.22 -18.67
C GLU B 42 -6.91 -26.28 -17.39
N GLY B 43 -7.81 -25.31 -17.20
CA GLY B 43 -8.65 -25.24 -15.99
C GLY B 43 -7.93 -24.64 -14.77
N GLY B 44 -6.72 -24.15 -14.98
CA GLY B 44 -5.94 -23.48 -13.92
C GLY B 44 -6.72 -22.39 -13.20
N SER B 45 -6.18 -21.91 -12.10
CA SER B 45 -6.84 -20.84 -11.37
C SER B 45 -6.51 -19.49 -11.97
N ALA B 46 -7.35 -18.50 -11.65
CA ALA B 46 -7.13 -17.11 -12.01
C ALA B 46 -5.81 -16.54 -11.45
N VAL B 47 -5.37 -17.07 -10.31
CA VAL B 47 -4.08 -16.73 -9.70
C VAL B 47 -2.91 -17.27 -10.54
N ASP B 48 -2.98 -18.55 -10.90
CA ASP B 48 -2.01 -19.19 -11.81
C ASP B 48 -1.86 -18.45 -13.13
N ALA B 49 -2.99 -18.02 -13.69
CA ALA B 49 -3.02 -17.30 -14.96
C ALA B 49 -2.38 -15.91 -14.87
N VAL B 50 -2.71 -15.16 -13.82
CA VAL B 50 -2.15 -13.80 -13.69
C VAL B 50 -0.66 -13.86 -13.41
N GLU B 51 -0.27 -14.79 -12.54
CA GLU B 51 1.14 -15.13 -12.35
C GLU B 51 1.79 -15.49 -13.67
N GLY B 52 1.29 -16.53 -14.35
CA GLY B 52 1.82 -16.91 -15.68
C GLY B 52 2.08 -15.75 -16.64
N ALA B 53 1.04 -14.96 -16.93
CA ALA B 53 1.13 -13.79 -17.81
C ALA B 53 2.27 -12.82 -17.45
N VAL B 54 2.43 -12.56 -16.15
CA VAL B 54 3.38 -11.57 -15.65
C VAL B 54 4.83 -12.09 -15.74
N VAL B 55 5.04 -13.37 -15.45
CA VAL B 55 6.35 -14.03 -15.71
C VAL B 55 6.85 -13.81 -17.14
N ALA B 56 5.95 -14.01 -18.11
CA ALA B 56 6.30 -13.85 -19.52
C ALA B 56 6.85 -12.45 -19.81
N LEU B 57 6.26 -11.47 -19.11
CA LEU B 57 6.61 -10.06 -19.30
C LEU B 57 7.88 -9.69 -18.56
N GLU B 58 8.12 -10.28 -17.39
CA GLU B 58 9.40 -10.13 -16.69
C GLU B 58 10.58 -10.68 -17.54
N ASP B 59 10.35 -11.79 -18.22
CA ASP B 59 11.36 -12.47 -19.02
C ASP B 59 11.58 -11.81 -20.37
N ASP B 60 10.52 -11.22 -20.92
CA ASP B 60 10.59 -10.46 -22.17
C ASP B 60 11.28 -9.11 -21.94
N PRO B 61 12.48 -8.90 -22.54
CA PRO B 61 13.34 -7.75 -22.27
C PRO B 61 12.73 -6.40 -22.64
N GLU B 62 11.71 -6.42 -23.51
CA GLU B 62 11.04 -5.22 -24.00
C GLU B 62 10.12 -4.56 -22.97
N PHE B 63 10.01 -5.17 -21.79
CA PHE B 63 9.08 -4.67 -20.78
C PHE B 63 9.74 -4.38 -19.45
N ASN B 64 9.30 -3.28 -18.82
CA ASN B 64 9.90 -2.79 -17.58
C ASN B 64 9.48 -3.63 -16.37
N ALA B 65 10.15 -4.77 -16.21
CA ALA B 65 9.94 -5.71 -15.12
C ALA B 65 10.97 -6.81 -15.30
N GLY B 66 11.30 -7.53 -14.24
CA GLY B 66 12.31 -8.60 -14.30
C GLY B 66 13.51 -8.17 -15.14
N CYS B 67 13.81 -8.95 -16.17
CA CYS B 67 14.88 -8.59 -17.11
C CYS B 67 14.36 -7.54 -18.07
N GLY B 68 15.03 -6.39 -18.13
CA GLY B 68 14.52 -5.24 -18.88
C GLY B 68 13.93 -4.11 -18.03
N SER B 69 14.01 -4.25 -16.71
CA SER B 69 13.56 -3.18 -15.79
C SER B 69 14.38 -1.91 -15.95
N VAL B 70 13.75 -0.75 -15.81
CA VAL B 70 14.49 0.52 -15.85
C VAL B 70 15.43 0.62 -14.64
N LEU B 71 16.38 1.56 -14.71
CA LEU B 71 17.47 1.60 -13.72
C LEU B 71 17.25 2.65 -12.66
N ASN B 72 17.63 2.33 -11.42
CA ASN B 72 17.61 3.31 -10.33
C ASN B 72 18.80 4.28 -10.41
N THR B 73 18.89 5.19 -9.44
CA THR B 73 19.91 6.25 -9.47
C THR B 73 21.35 5.75 -9.31
N ASN B 74 21.54 4.53 -8.81
CA ASN B 74 22.86 3.87 -8.80
C ASN B 74 23.05 2.95 -10.01
N GLY B 75 22.14 3.04 -10.98
CA GLY B 75 22.21 2.21 -12.18
C GLY B 75 21.81 0.75 -12.01
N GLU B 76 21.19 0.45 -10.86
CA GLU B 76 20.85 -0.92 -10.50
C GLU B 76 19.37 -1.22 -10.68
N VAL B 77 19.06 -2.51 -10.80
CA VAL B 77 17.69 -2.96 -10.96
C VAL B 77 17.09 -3.20 -9.58
N GLU B 78 15.96 -2.55 -9.31
CA GLU B 78 15.27 -2.63 -8.02
C GLU B 78 13.77 -2.78 -8.34
N MET B 79 13.19 -3.93 -8.01
CA MET B 79 11.90 -4.36 -8.56
C MET B 79 10.80 -4.53 -7.51
N ASP B 80 9.56 -4.24 -7.91
CA ASP B 80 8.43 -4.47 -7.02
C ASP B 80 7.39 -5.36 -7.70
N ALA B 81 6.67 -6.17 -6.91
CA ALA B 81 5.55 -6.97 -7.47
C ALA B 81 4.49 -7.29 -6.41
N SER B 82 3.26 -7.52 -6.86
CA SER B 82 2.20 -8.05 -5.98
C SER B 82 1.23 -8.92 -6.76
N ILE B 83 0.62 -9.84 -6.03
CA ILE B 83 -0.42 -10.71 -6.55
C ILE B 83 -1.55 -10.78 -5.52
N MET B 84 -2.80 -10.79 -5.97
CA MET B 84 -3.91 -10.94 -5.01
C MET B 84 -4.96 -11.97 -5.43
N ASP B 85 -5.32 -12.86 -4.49
CA ASP B 85 -6.33 -13.89 -4.71
C ASP B 85 -7.71 -13.39 -4.30
N GLY B 86 -8.59 -13.19 -5.28
CA GLY B 86 -9.95 -12.71 -5.01
C GLY B 86 -10.85 -13.56 -4.12
N LYS B 87 -10.53 -14.85 -3.94
CA LYS B 87 -11.36 -15.74 -3.11
C LYS B 87 -11.48 -15.26 -1.65
N ASP B 88 -10.36 -15.21 -0.95
CA ASP B 88 -10.36 -14.81 0.45
C ASP B 88 -9.51 -13.56 0.71
N LEU B 89 -9.17 -12.84 -0.35
CA LEU B 89 -8.28 -11.65 -0.30
C LEU B 89 -6.82 -11.94 0.08
N SER B 90 -6.40 -13.19 -0.14
CA SER B 90 -5.01 -13.61 0.07
C SER B 90 -4.05 -12.90 -0.85
N ALA B 91 -2.89 -12.47 -0.32
CA ALA B 91 -1.98 -11.66 -1.11
C ALA B 91 -0.55 -11.78 -0.68
N GLY B 92 0.34 -11.48 -1.61
CA GLY B 92 1.78 -11.41 -1.35
C GLY B 92 2.37 -10.32 -2.24
N ALA B 93 3.44 -9.68 -1.78
CA ALA B 93 4.00 -8.53 -2.47
C ALA B 93 5.45 -8.43 -2.07
N VAL B 94 6.27 -7.90 -2.95
CA VAL B 94 7.68 -7.66 -2.66
C VAL B 94 8.04 -6.31 -3.19
N SER B 95 8.87 -5.59 -2.44
CA SER B 95 9.34 -4.28 -2.84
C SER B 95 10.86 -4.25 -2.78
N ALA B 96 11.46 -3.44 -3.65
CA ALA B 96 12.93 -3.21 -3.66
C ALA B 96 13.81 -4.46 -3.86
N VAL B 97 13.32 -5.46 -4.60
CA VAL B 97 14.10 -6.69 -4.77
C VAL B 97 15.06 -6.58 -5.95
N GLN B 98 16.19 -7.28 -5.86
CA GLN B 98 17.23 -7.23 -6.87
C GLN B 98 17.79 -8.61 -7.16
N CYS B 99 18.51 -8.72 -8.28
CA CYS B 99 19.21 -9.94 -8.66
C CYS B 99 18.28 -11.18 -8.78
N ILE B 100 16.99 -10.95 -8.99
CA ILE B 100 16.07 -12.07 -9.25
C ILE B 100 15.21 -11.89 -10.51
N ALA B 101 14.90 -13.01 -11.14
CA ALA B 101 14.29 -13.04 -12.46
C ALA B 101 12.81 -12.66 -12.49
N ASN B 102 12.05 -13.23 -11.54
CA ASN B 102 10.61 -13.05 -11.46
C ASN B 102 10.11 -12.65 -10.06
N PRO B 103 10.15 -11.34 -9.74
CA PRO B 103 9.65 -10.86 -8.46
C PRO B 103 8.21 -11.32 -8.17
N ILE B 104 7.37 -11.46 -9.20
CA ILE B 104 5.98 -11.93 -9.06
C ILE B 104 5.89 -13.34 -8.46
N LYS B 105 6.89 -14.18 -8.71
CA LYS B 105 6.85 -15.55 -8.19
C LYS B 105 7.13 -15.51 -6.70
N LEU B 106 7.99 -14.59 -6.30
CA LEU B 106 8.34 -14.39 -4.91
C LEU B 106 7.16 -13.81 -4.15
N ALA B 107 6.47 -12.83 -4.75
CA ALA B 107 5.20 -12.32 -4.17
C ALA B 107 4.26 -13.48 -3.89
N ARG B 108 4.05 -14.34 -4.89
CA ARG B 108 3.29 -15.58 -4.71
C ARG B 108 3.85 -16.45 -3.59
N LEU B 109 5.16 -16.68 -3.59
CA LEU B 109 5.73 -17.47 -2.49
C LEU B 109 5.43 -16.80 -1.14
N VAL B 110 5.51 -15.47 -1.10
CA VAL B 110 5.21 -14.70 0.11
C VAL B 110 3.78 -14.95 0.59
N MET B 111 2.83 -14.84 -0.34
CA MET B 111 1.43 -15.12 -0.04
C MET B 111 1.19 -16.56 0.45
N GLU B 112 1.87 -17.52 -0.19
CA GLU B 112 1.49 -18.93 -0.05
C GLU B 112 2.30 -19.74 0.95
N LYS B 113 3.48 -19.24 1.31
CA LYS B 113 4.38 -19.95 2.23
C LYS B 113 4.92 -19.10 3.37
N THR B 114 4.31 -17.96 3.62
CA THR B 114 4.62 -17.15 4.81
C THR B 114 3.31 -16.77 5.50
N PRO B 115 3.39 -16.29 6.75
CA PRO B 115 2.22 -15.67 7.37
C PRO B 115 2.02 -14.20 6.96
N HIS B 116 2.87 -13.70 6.06
CA HIS B 116 2.88 -12.28 5.68
C HIS B 116 2.33 -11.99 4.27
N CYS B 117 2.12 -10.71 3.97
CA CYS B 117 1.60 -10.28 2.69
C CYS B 117 2.67 -9.46 1.94
N PHE B 118 3.68 -9.00 2.67
CA PHE B 118 4.63 -8.02 2.14
C PHE B 118 6.02 -8.22 2.76
N LEU B 119 7.00 -8.54 1.90
CA LEU B 119 8.42 -8.53 2.28
C LEU B 119 9.18 -7.52 1.45
N THR B 120 10.10 -6.80 2.08
CA THR B 120 10.93 -5.81 1.40
C THR B 120 12.43 -6.14 1.39
N ASP B 121 13.12 -5.50 0.45
CA ASP B 121 14.60 -5.43 0.31
C ASP B 121 15.45 -6.64 0.74
N GLN B 122 16.09 -6.58 1.91
CA GLN B 122 17.02 -7.63 2.34
C GLN B 122 16.30 -8.90 2.80
N GLY B 123 15.21 -8.73 3.53
CA GLY B 123 14.38 -9.84 3.99
C GLY B 123 13.65 -10.49 2.83
N ALA B 124 13.46 -9.74 1.75
CA ALA B 124 12.93 -10.26 0.52
C ALA B 124 13.96 -11.16 -0.17
N ALA B 125 15.23 -10.73 -0.17
CA ALA B 125 16.32 -11.53 -0.73
C ALA B 125 16.52 -12.81 0.07
N GLN B 126 16.50 -12.69 1.40
CA GLN B 126 16.65 -13.83 2.30
C GLN B 126 15.55 -14.87 2.17
N PHE B 127 14.33 -14.42 1.93
CA PHE B 127 13.22 -15.33 1.75
C PHE B 127 13.38 -16.03 0.41
N ALA B 128 13.83 -15.29 -0.61
CA ALA B 128 14.12 -15.88 -1.92
C ALA B 128 15.30 -16.88 -1.84
N ALA B 129 16.32 -16.52 -1.05
CA ALA B 129 17.46 -17.41 -0.84
C ALA B 129 16.99 -18.71 -0.21
N ALA B 130 16.14 -18.59 0.81
CA ALA B 130 15.68 -19.75 1.58
C ALA B 130 14.58 -20.55 0.88
N MET B 131 13.89 -19.94 -0.08
CA MET B 131 12.94 -20.67 -0.93
C MET B 131 13.61 -21.23 -2.18
N GLY B 132 14.92 -21.03 -2.28
CA GLY B 132 15.70 -21.54 -3.41
C GLY B 132 15.50 -20.83 -4.73
N VAL B 133 15.17 -19.54 -4.68
CA VAL B 133 15.15 -18.69 -5.86
C VAL B 133 16.61 -18.40 -6.20
N PRO B 134 16.98 -18.53 -7.49
CA PRO B 134 18.37 -18.29 -7.86
C PRO B 134 18.75 -16.82 -7.91
N GLU B 135 19.94 -16.53 -7.39
CA GLU B 135 20.58 -15.25 -7.58
C GLU B 135 21.14 -15.21 -9.00
N ILE B 136 20.92 -14.11 -9.71
CA ILE B 136 21.50 -13.97 -11.03
C ILE B 136 22.73 -13.07 -11.03
N PRO B 137 23.83 -13.52 -11.66
CA PRO B 137 25.08 -12.77 -11.84
C PRO B 137 24.90 -11.33 -12.35
N GLY B 138 24.24 -10.48 -11.55
CA GLY B 138 24.05 -9.05 -11.79
C GLY B 138 23.67 -8.65 -13.21
N GLU B 139 24.68 -8.18 -13.94
CA GLU B 139 24.60 -7.82 -15.36
C GLU B 139 23.26 -8.15 -16.04
N LYS B 140 22.95 -9.44 -16.14
CA LYS B 140 21.83 -9.97 -16.93
C LYS B 140 20.55 -9.12 -17.01
N LEU B 141 20.12 -8.53 -15.89
CA LEU B 141 18.88 -7.75 -15.83
C LEU B 141 18.92 -6.43 -16.60
N VAL B 142 20.11 -5.84 -16.71
CA VAL B 142 20.29 -4.53 -17.34
C VAL B 142 20.38 -4.64 -18.88
N THR B 143 19.49 -3.93 -19.57
CA THR B 143 19.48 -3.92 -21.04
C THR B 143 20.05 -2.62 -21.59
N GLU B 144 20.73 -2.73 -22.74
CA GLU B 144 21.41 -1.58 -23.35
C GLU B 144 20.47 -0.39 -23.64
N ARG B 145 19.19 -0.67 -23.81
CA ARG B 145 18.21 0.41 -23.99
C ARG B 145 18.02 1.24 -22.71
N ASN B 146 18.04 0.59 -21.55
CA ASN B 146 17.88 1.28 -20.27
C ASN B 146 19.14 2.00 -19.81
N LYS B 147 20.29 1.50 -20.27
CA LYS B 147 21.60 2.06 -19.97
C LYS B 147 21.67 3.50 -20.49
N LYS B 148 21.35 3.67 -21.77
CA LYS B 148 21.24 4.97 -22.41
C LYS B 148 20.19 5.85 -21.73
N ARG B 149 19.08 5.22 -21.34
CA ARG B 149 17.94 5.91 -20.73
C ARG B 149 18.34 6.61 -19.41
N LEU B 150 19.19 5.96 -18.63
CA LEU B 150 19.64 6.46 -17.32
C LEU B 150 20.66 7.60 -17.43
N GLU B 151 21.59 7.50 -18.38
CA GLU B 151 22.52 8.59 -18.71
C GLU B 151 21.73 9.81 -19.19
N LYS B 152 20.71 9.55 -20.02
CA LYS B 152 19.85 10.60 -20.56
C LYS B 152 19.16 11.44 -19.48
N GLU B 153 18.62 10.77 -18.45
CA GLU B 153 17.90 11.50 -17.40
C GLU B 153 18.82 11.94 -16.24
N LYS B 154 20.08 11.54 -16.29
CA LYS B 154 21.00 11.76 -15.16
C LYS B 154 22.34 12.32 -15.60
N LEU B 168 8.26 3.46 -20.87
CA LEU B 168 8.42 2.27 -20.04
C LEU B 168 7.57 2.37 -18.77
N GLY B 169 7.06 1.23 -18.31
CA GLY B 169 6.23 1.18 -17.09
C GLY B 169 5.71 -0.20 -16.64
N THR B 170 5.25 -0.24 -15.40
CA THR B 170 4.67 -1.42 -14.76
C THR B 170 3.81 -2.34 -15.66
N VAL B 171 4.07 -3.67 -15.61
CA VAL B 171 3.21 -4.69 -16.24
C VAL B 171 2.22 -5.32 -15.26
N GLY B 172 1.08 -5.77 -15.75
CA GLY B 172 0.06 -6.38 -14.88
C GLY B 172 -0.84 -7.37 -15.62
N ALA B 173 -1.68 -8.06 -14.87
CA ALA B 173 -2.59 -9.04 -15.45
C ALA B 173 -3.80 -9.20 -14.57
N VAL B 174 -4.97 -9.35 -15.17
CA VAL B 174 -6.15 -9.70 -14.40
C VAL B 174 -6.84 -10.92 -15.02
N ALA B 175 -7.19 -11.89 -14.18
CA ALA B 175 -7.77 -13.10 -14.70
C ALA B 175 -9.01 -13.53 -13.93
N LEU B 176 -9.96 -14.10 -14.67
CA LEU B 176 -11.19 -14.66 -14.14
C LEU B 176 -11.24 -16.14 -14.53
N ASP B 177 -11.50 -17.01 -13.56
CA ASP B 177 -11.43 -18.45 -13.83
C ASP B 177 -12.82 -19.07 -13.82
N CYS B 178 -12.91 -20.36 -14.16
CA CYS B 178 -14.21 -21.05 -14.28
C CYS B 178 -15.06 -21.10 -13.00
N LYS B 179 -14.42 -20.90 -11.85
CA LYS B 179 -15.13 -20.83 -10.57
C LYS B 179 -15.65 -19.43 -10.24
N GLY B 180 -15.30 -18.47 -11.08
CA GLY B 180 -15.64 -17.10 -10.81
C GLY B 180 -14.60 -16.40 -9.96
N ASN B 181 -13.49 -17.09 -9.70
CA ASN B 181 -12.36 -16.48 -8.99
C ASN B 181 -11.68 -15.42 -9.86
N VAL B 182 -11.31 -14.30 -9.26
CA VAL B 182 -10.58 -13.24 -9.96
C VAL B 182 -9.24 -13.05 -9.25
N ALA B 183 -8.25 -12.52 -9.99
CA ALA B 183 -6.94 -12.25 -9.46
C ALA B 183 -6.25 -11.13 -10.22
N TYR B 184 -5.21 -10.58 -9.63
CA TYR B 184 -4.36 -9.64 -10.35
C TYR B 184 -2.93 -9.90 -9.99
N ALA B 185 -2.02 -9.52 -10.86
CA ALA B 185 -0.60 -9.57 -10.58
C ALA B 185 0.04 -8.37 -11.25
N THR B 186 0.99 -7.72 -10.57
CA THR B 186 1.67 -6.59 -11.15
C THR B 186 3.15 -6.79 -10.94
N SER B 187 3.96 -6.26 -11.85
CA SER B 187 5.43 -6.25 -11.73
C SER B 187 6.01 -5.00 -12.40
N THR B 188 7.14 -4.55 -11.87
CA THR B 188 7.80 -3.33 -12.33
C THR B 188 9.22 -3.18 -11.77
N GLY B 189 10.08 -2.50 -12.52
CA GLY B 189 11.37 -2.08 -12.00
C GLY B 189 11.35 -0.61 -11.58
N GLY B 190 10.18 0.02 -11.74
CA GLY B 190 9.93 1.40 -11.29
C GLY B 190 10.12 2.48 -12.34
N ILE B 191 10.67 3.60 -11.92
CA ILE B 191 10.93 4.72 -12.82
C ILE B 191 12.43 4.97 -12.95
N VAL B 192 12.87 5.32 -14.16
CA VAL B 192 14.28 5.62 -14.43
C VAL B 192 14.84 6.70 -13.49
N ASN B 193 16.01 6.40 -12.92
CA ASN B 193 16.76 7.33 -12.06
C ASN B 193 16.08 7.56 -10.71
N LYS B 194 15.13 6.68 -10.38
CA LYS B 194 14.42 6.74 -9.10
C LYS B 194 15.40 6.65 -7.97
N MET B 195 15.05 7.26 -6.84
CA MET B 195 15.85 7.11 -5.65
C MET B 195 15.91 5.65 -5.26
N VAL B 196 17.08 5.23 -4.79
CA VAL B 196 17.28 3.90 -4.23
C VAL B 196 16.20 3.69 -3.17
N GLY B 197 15.61 2.50 -3.18
CA GLY B 197 14.59 2.15 -2.21
C GLY B 197 13.24 2.79 -2.42
N ARG B 198 13.06 3.55 -3.49
CA ARG B 198 11.72 4.06 -3.86
C ARG B 198 10.81 2.87 -4.10
N VAL B 199 9.57 2.97 -3.60
CA VAL B 199 8.51 1.99 -3.85
C VAL B 199 7.34 2.72 -4.51
N GLY B 200 6.86 2.15 -5.62
CA GLY B 200 5.73 2.69 -6.31
C GLY B 200 4.47 1.93 -5.91
N ASP B 201 3.50 1.92 -6.81
CA ASP B 201 2.16 1.44 -6.48
C ASP B 201 2.09 -0.07 -6.44
N SER B 202 2.99 -0.74 -7.16
CA SER B 202 2.84 -2.20 -7.45
C SER B 202 2.60 -3.08 -6.24
N PRO B 203 3.51 -3.05 -5.24
CA PRO B 203 3.37 -3.97 -4.12
C PRO B 203 2.34 -3.53 -3.09
N CYS B 204 1.70 -2.40 -3.34
CA CYS B 204 0.74 -1.85 -2.39
C CYS B 204 -0.67 -2.22 -2.78
N LEU B 205 -1.32 -3.03 -1.94
CA LEU B 205 -2.64 -3.56 -2.27
C LEU B 205 -3.66 -2.43 -2.15
N GLY B 206 -4.51 -2.34 -3.17
CA GLY B 206 -5.48 -1.27 -3.24
C GLY B 206 -5.08 -0.21 -4.26
N ALA B 207 -3.76 -0.01 -4.39
CA ALA B 207 -3.17 0.99 -5.29
C ALA B 207 -2.81 0.36 -6.62
N GLY B 208 -1.69 -0.37 -6.67
CA GLY B 208 -1.27 -1.06 -7.89
C GLY B 208 -2.18 -2.18 -8.37
N GLY B 209 -3.11 -2.57 -7.52
CA GLY B 209 -4.09 -3.61 -7.87
C GLY B 209 -4.98 -3.96 -6.68
N TYR B 210 -6.10 -4.60 -6.98
CA TYR B 210 -6.95 -5.20 -5.97
C TYR B 210 -7.76 -6.30 -6.64
N ALA B 211 -8.11 -7.33 -5.87
CA ALA B 211 -8.83 -8.51 -6.36
C ALA B 211 -9.83 -8.98 -5.30
N ASP B 212 -11.09 -9.10 -5.69
CA ASP B 212 -12.14 -9.46 -4.75
C ASP B 212 -13.23 -10.16 -5.54
N ASN B 213 -13.48 -11.44 -5.22
CA ASN B 213 -14.46 -12.26 -5.96
C ASN B 213 -15.86 -11.65 -6.04
N ASP B 214 -16.11 -10.71 -5.13
CA ASP B 214 -17.39 -10.05 -5.02
C ASP B 214 -17.53 -8.83 -5.91
N ILE B 215 -16.41 -8.37 -6.48
CA ILE B 215 -16.41 -7.15 -7.29
C ILE B 215 -15.69 -7.36 -8.62
N GLY B 216 -14.42 -7.75 -8.52
CA GLY B 216 -13.61 -8.01 -9.68
C GLY B 216 -12.16 -7.78 -9.31
N ALA B 217 -11.30 -7.66 -10.33
CA ALA B 217 -9.88 -7.41 -10.14
C ALA B 217 -9.37 -6.29 -11.06
N VAL B 218 -8.44 -5.48 -10.55
CA VAL B 218 -7.84 -4.40 -11.33
C VAL B 218 -6.31 -4.46 -11.28
N SER B 219 -5.67 -4.21 -12.41
CA SER B 219 -4.23 -3.99 -12.42
C SER B 219 -3.91 -2.66 -13.13
N THR B 220 -3.12 -1.81 -12.48
CA THR B 220 -2.90 -0.45 -12.96
C THR B 220 -1.48 -0.20 -13.51
N THR B 221 -1.28 0.98 -14.08
CA THR B 221 0.03 1.45 -14.51
C THR B 221 -0.02 2.98 -14.55
N GLY B 222 1.16 3.60 -14.66
CA GLY B 222 1.24 5.06 -14.75
C GLY B 222 2.02 5.69 -13.61
N HIS B 223 1.66 6.92 -13.23
CA HIS B 223 2.39 7.60 -12.15
C HIS B 223 2.16 6.94 -10.79
N GLY B 224 3.14 6.14 -10.36
CA GLY B 224 3.07 5.32 -9.15
C GLY B 224 2.56 6.02 -7.90
N GLU B 225 3.23 7.13 -7.55
CA GLU B 225 2.84 7.96 -6.41
C GLU B 225 1.39 8.48 -6.53
N SER B 226 0.96 8.76 -7.74
CA SER B 226 -0.39 9.27 -8.00
C SER B 226 -1.45 8.17 -7.87
N ILE B 227 -1.05 6.95 -8.24
CA ILE B 227 -1.89 5.79 -8.07
C ILE B 227 -2.07 5.49 -6.58
N LEU B 228 -0.98 5.64 -5.83
CA LEU B 228 -0.96 5.47 -4.36
C LEU B 228 -1.86 6.49 -3.66
N LYS B 229 -1.57 7.78 -3.89
CA LYS B 229 -2.37 8.87 -3.35
C LYS B 229 -3.86 8.69 -3.57
N VAL B 230 -4.25 8.16 -4.73
CA VAL B 230 -5.67 7.94 -4.99
C VAL B 230 -6.12 6.50 -4.74
N ASN B 231 -5.17 5.59 -4.52
CA ASN B 231 -5.47 4.16 -4.37
C ASN B 231 -6.30 3.61 -5.52
N LEU B 232 -5.80 3.80 -6.73
CA LEU B 232 -6.57 3.68 -7.97
C LEU B 232 -7.36 2.39 -8.20
N ALA B 233 -6.71 1.25 -7.98
CA ALA B 233 -7.34 -0.03 -8.26
C ALA B 233 -8.56 -0.23 -7.38
N ARG B 234 -8.44 0.08 -6.09
CA ARG B 234 -9.59 -0.08 -5.18
C ARG B 234 -10.70 0.95 -5.44
N LEU B 235 -10.32 2.12 -5.94
CA LEU B 235 -11.26 3.19 -6.24
C LEU B 235 -12.07 2.85 -7.48
N THR B 236 -11.40 2.32 -8.49
CA THR B 236 -12.07 1.81 -9.66
C THR B 236 -13.16 0.83 -9.23
N LEU B 237 -12.81 -0.10 -8.35
CA LEU B 237 -13.76 -1.10 -7.86
C LEU B 237 -14.90 -0.53 -7.05
N PHE B 238 -14.63 0.54 -6.30
CA PHE B 238 -15.67 1.26 -5.54
CA PHE B 238 -15.66 1.27 -5.54
C PHE B 238 -16.79 1.74 -6.47
N HIS B 239 -16.41 2.24 -7.65
CA HIS B 239 -17.38 2.71 -8.62
C HIS B 239 -18.24 1.57 -9.14
N ILE B 240 -17.60 0.43 -9.38
CA ILE B 240 -18.30 -0.80 -9.79
C ILE B 240 -19.35 -1.24 -8.73
N GLU B 241 -18.90 -1.48 -7.50
CA GLU B 241 -19.84 -1.77 -6.40
C GLU B 241 -21.07 -0.83 -6.40
N GLN B 242 -20.87 0.42 -6.83
CA GLN B 242 -21.96 1.41 -6.89
C GLN B 242 -22.79 1.31 -8.18
N GLY B 243 -22.56 0.27 -8.96
CA GLY B 243 -23.40 -0.02 -10.11
C GLY B 243 -22.97 0.61 -11.42
N LYS B 244 -21.75 1.14 -11.45
CA LYS B 244 -21.15 1.60 -12.71
C LYS B 244 -20.71 0.41 -13.55
N THR B 245 -20.58 0.62 -14.86
CA THR B 245 -20.02 -0.40 -15.77
C THR B 245 -18.51 -0.38 -15.59
N VAL B 246 -17.82 -1.40 -16.11
CA VAL B 246 -16.35 -1.42 -16.06
C VAL B 246 -15.73 -0.19 -16.73
N GLU B 247 -16.32 0.26 -17.84
CA GLU B 247 -15.84 1.45 -18.55
C GLU B 247 -16.02 2.75 -17.73
N GLU B 248 -17.24 3.01 -17.28
CA GLU B 248 -17.55 4.18 -16.46
C GLU B 248 -16.70 4.28 -15.18
N ALA B 249 -16.46 3.12 -14.55
CA ALA B 249 -15.65 3.04 -13.33
C ALA B 249 -14.20 3.45 -13.59
N ALA B 250 -13.59 2.82 -14.60
CA ALA B 250 -12.27 3.19 -15.10
C ALA B 250 -12.18 4.64 -15.59
N ASP B 251 -13.17 5.09 -16.37
CA ASP B 251 -13.28 6.50 -16.76
C ASP B 251 -13.16 7.36 -15.52
N LEU B 252 -14.11 7.17 -14.59
CA LEU B 252 -14.28 8.00 -13.40
C LEU B 252 -13.11 7.97 -12.42
N SER B 253 -12.52 6.79 -12.22
CA SER B 253 -11.39 6.68 -11.30
C SER B 253 -10.13 7.30 -11.90
N LEU B 254 -9.94 7.16 -13.21
CA LEU B 254 -8.79 7.82 -13.89
C LEU B 254 -9.00 9.33 -14.05
N GLY B 255 -10.25 9.73 -14.25
CA GLY B 255 -10.59 11.15 -14.32
C GLY B 255 -10.24 11.86 -13.01
N TYR B 256 -10.54 11.17 -11.91
CA TYR B 256 -10.17 11.64 -10.57
C TYR B 256 -8.66 11.72 -10.37
N MET B 257 -7.91 10.70 -10.76
CA MET B 257 -6.45 10.73 -10.60
C MET B 257 -5.86 11.89 -11.42
N LYS B 258 -6.49 12.20 -12.54
CA LYS B 258 -6.06 13.31 -13.38
C LYS B 258 -6.27 14.68 -12.72
N SER B 259 -7.50 14.98 -12.30
CA SER B 259 -7.81 16.33 -11.75
C SER B 259 -7.41 16.58 -10.30
N ARG B 260 -7.42 15.54 -9.47
CA ARG B 260 -7.07 15.70 -8.05
C ARG B 260 -5.57 15.82 -7.77
N VAL B 261 -4.75 14.98 -8.42
CA VAL B 261 -3.29 14.95 -8.17
C VAL B 261 -2.40 15.10 -9.41
N LYS B 262 -3.01 15.36 -10.57
CA LYS B 262 -2.28 15.56 -11.85
C LYS B 262 -1.47 14.35 -12.31
N GLY B 263 -2.00 13.15 -12.09
CA GLY B 263 -1.29 11.93 -12.47
C GLY B 263 -1.90 11.24 -13.66
N LEU B 264 -1.07 10.56 -14.45
CA LEU B 264 -1.56 9.84 -15.62
C LEU B 264 -1.23 8.37 -15.49
N GLY B 265 -2.15 7.53 -15.97
CA GLY B 265 -1.83 6.14 -16.12
C GLY B 265 -2.75 5.36 -17.01
N GLY B 266 -3.18 4.22 -16.48
CA GLY B 266 -4.03 3.29 -17.22
C GLY B 266 -4.33 2.13 -16.34
N LEU B 267 -5.30 1.33 -16.76
CA LEU B 267 -5.67 0.19 -15.97
C LEU B 267 -6.42 -0.83 -16.79
N ILE B 268 -6.46 -2.04 -16.21
CA ILE B 268 -7.24 -3.14 -16.73
C ILE B 268 -8.09 -3.68 -15.59
N VAL B 269 -9.36 -3.82 -15.89
CA VAL B 269 -10.32 -4.33 -14.93
C VAL B 269 -11.11 -5.46 -15.58
N VAL B 270 -11.60 -6.37 -14.75
CA VAL B 270 -12.53 -7.42 -15.14
C VAL B 270 -13.44 -7.55 -13.93
N SER B 271 -14.74 -7.62 -14.15
CA SER B 271 -15.68 -7.74 -13.05
C SER B 271 -15.99 -9.21 -12.79
N LYS B 272 -16.68 -9.48 -11.69
CA LYS B 272 -17.10 -10.83 -11.33
C LYS B 272 -18.19 -11.38 -12.27
N THR B 273 -18.60 -10.59 -13.26
CA THR B 273 -19.61 -11.06 -14.22
C THR B 273 -19.12 -11.19 -15.66
N GLY B 274 -17.80 -11.12 -15.87
CA GLY B 274 -17.22 -11.37 -17.20
C GLY B 274 -16.95 -10.13 -18.03
N ASP B 275 -17.21 -8.95 -17.46
CA ASP B 275 -16.99 -7.70 -18.17
C ASP B 275 -15.56 -7.24 -17.97
N TRP B 276 -14.97 -6.66 -19.01
CA TRP B 276 -13.60 -6.18 -18.93
C TRP B 276 -13.43 -5.01 -19.87
N VAL B 277 -12.46 -4.16 -19.54
CA VAL B 277 -12.04 -3.08 -20.43
C VAL B 277 -10.59 -2.71 -20.11
N ALA B 278 -9.93 -2.04 -21.05
CA ALA B 278 -8.65 -1.40 -20.79
C ALA B 278 -8.74 0.08 -21.15
N LYS B 279 -8.54 0.94 -20.16
CA LYS B 279 -8.61 2.40 -20.33
C LYS B 279 -7.30 3.05 -19.85
N TRP B 280 -6.90 4.16 -20.46
CA TRP B 280 -5.70 4.92 -20.00
C TRP B 280 -5.77 6.43 -20.23
N THR B 281 -5.06 7.19 -19.39
CA THR B 281 -4.90 8.65 -19.54
C THR B 281 -3.50 9.08 -19.99
N SER B 282 -2.53 8.17 -19.86
CA SER B 282 -1.25 8.31 -20.53
C SER B 282 -1.50 8.27 -22.04
N THR B 283 -0.44 8.43 -22.82
CA THR B 283 -0.56 8.46 -24.27
C THR B 283 -0.78 7.06 -24.81
N SER B 284 0.08 6.13 -24.40
CA SER B 284 -0.04 4.73 -24.79
C SER B 284 -0.17 3.78 -23.61
N MET B 285 -0.80 2.63 -23.87
CA MET B 285 -0.80 1.50 -22.96
C MET B 285 -1.05 0.25 -23.79
N PRO B 286 0.00 -0.55 -24.04
CA PRO B 286 -0.19 -1.84 -24.70
C PRO B 286 -1.04 -2.76 -23.82
N TRP B 287 -2.11 -3.29 -24.38
CA TRP B 287 -3.00 -4.17 -23.65
C TRP B 287 -3.41 -5.34 -24.52
N ALA B 288 -3.77 -6.45 -23.89
CA ALA B 288 -4.23 -7.63 -24.61
C ALA B 288 -5.26 -8.33 -23.75
N ALA B 289 -6.22 -8.97 -24.40
CA ALA B 289 -7.25 -9.69 -23.68
C ALA B 289 -7.63 -10.93 -24.46
N ALA B 290 -7.74 -12.05 -23.74
CA ALA B 290 -8.19 -13.28 -24.35
C ALA B 290 -9.49 -13.71 -23.68
N LYS B 291 -10.54 -13.86 -24.48
CA LYS B 291 -11.82 -14.35 -24.01
C LYS B 291 -12.52 -15.05 -25.17
N ASP B 292 -13.05 -16.25 -24.92
CA ASP B 292 -13.77 -17.01 -25.95
C ASP B 292 -12.90 -17.30 -27.19
N GLY B 293 -11.59 -17.46 -26.96
CA GLY B 293 -10.65 -17.82 -28.03
C GLY B 293 -10.36 -16.72 -29.04
N LYS B 294 -10.82 -15.50 -28.74
CA LYS B 294 -10.45 -14.29 -29.48
C LYS B 294 -9.44 -13.49 -28.67
N LEU B 295 -8.38 -13.07 -29.35
CA LEU B 295 -7.39 -12.15 -28.82
C LEU B 295 -7.69 -10.72 -29.27
N HIS B 296 -7.84 -9.83 -28.30
CA HIS B 296 -7.92 -8.40 -28.58
C HIS B 296 -6.56 -7.78 -28.22
N PHE B 297 -6.11 -6.81 -29.00
CA PHE B 297 -4.86 -6.10 -28.71
C PHE B 297 -4.92 -4.62 -29.17
N GLY B 298 -4.12 -3.78 -28.52
CA GLY B 298 -4.05 -2.34 -28.84
C GLY B 298 -2.93 -1.67 -28.06
N ILE B 299 -2.54 -0.45 -28.47
CA ILE B 299 -1.55 0.39 -27.79
C ILE B 299 -2.09 1.82 -27.65
N ASP B 300 -2.44 2.43 -28.78
CA ASP B 300 -3.17 3.69 -28.83
C ASP B 300 -4.67 3.35 -28.87
N PRO B 301 -5.53 4.31 -28.46
CA PRO B 301 -6.98 4.01 -28.57
C PRO B 301 -7.41 3.89 -30.04
N ASP B 302 -8.36 2.99 -30.32
CA ASP B 302 -8.87 2.75 -31.68
C ASP B 302 -8.11 1.69 -32.49
N ASP B 303 -6.79 1.62 -32.33
CA ASP B 303 -5.91 0.67 -33.06
C ASP B 303 -6.18 -0.82 -32.77
N THR B 304 -7.25 -1.08 -32.01
CA THR B 304 -7.59 -2.42 -31.55
C THR B 304 -7.74 -3.44 -32.68
N THR B 305 -7.06 -4.57 -32.52
CA THR B 305 -7.20 -5.71 -33.42
CA THR B 305 -7.19 -5.70 -33.41
C THR B 305 -7.92 -6.85 -32.70
N ILE B 306 -8.71 -7.61 -33.45
CA ILE B 306 -9.33 -8.83 -32.94
C ILE B 306 -8.99 -9.96 -33.90
N THR B 307 -8.41 -11.03 -33.35
CA THR B 307 -8.07 -12.21 -34.14
C THR B 307 -8.42 -13.48 -33.37
N ASP B 308 -8.46 -14.60 -34.09
CA ASP B 308 -8.66 -15.90 -33.49
C ASP B 308 -7.45 -16.29 -32.65
N LEU B 309 -7.66 -17.24 -31.75
CA LEU B 309 -6.61 -17.67 -30.83
C LEU B 309 -6.72 -19.18 -30.62
N PRO B 310 -6.14 -19.98 -31.56
CA PRO B 310 -6.24 -21.44 -31.52
C PRO B 310 -5.47 -22.06 -30.35
S SO4 C . -7.35 -9.72 21.13
O1 SO4 C . -7.46 -8.28 21.24
O2 SO4 C . -6.29 -10.08 20.21
O3 SO4 C . -7.06 -10.32 22.44
O4 SO4 C . -8.64 -10.26 20.70
S SO4 D . 1.13 -5.03 12.77
O1 SO4 D . 0.78 -3.97 13.71
O2 SO4 D . 1.97 -4.48 11.72
O3 SO4 D . 1.74 -6.09 13.53
O4 SO4 D . -0.08 -5.56 12.17
S SO4 E . -18.39 12.75 2.70
O1 SO4 E . -19.81 12.80 2.36
O2 SO4 E . -17.61 13.27 1.61
O3 SO4 E . -18.12 13.49 3.93
O4 SO4 E . -18.03 11.39 2.97
S SO4 F . 12.96 -17.15 6.10
O1 SO4 F . 13.06 -15.85 5.45
O2 SO4 F . 14.30 -17.72 5.98
O3 SO4 F . 12.54 -17.01 7.50
O4 SO4 F . 12.01 -18.08 5.47
S SO4 G . 19.83 10.13 -0.70
O1 SO4 G . 20.05 11.23 -1.62
O2 SO4 G . 21.00 9.90 0.13
O3 SO4 G . 18.71 10.52 0.12
O4 SO4 G . 19.56 8.89 -1.44
S SO4 H . 18.40 -3.45 16.42
O1 SO4 H . 18.35 -2.76 15.13
O2 SO4 H . 19.48 -2.94 17.24
O3 SO4 H . 17.17 -3.28 17.16
O4 SO4 H . 18.62 -4.86 16.14
S SO4 I . -3.09 21.23 25.86
O1 SO4 I . -4.05 22.33 25.88
O2 SO4 I . -1.80 21.76 25.45
O3 SO4 I . -3.07 20.66 27.22
O4 SO4 I . -3.54 20.22 24.93
I IOD J . -0.81 -0.60 23.47
I IOD K . -1.99 -13.59 6.22
I IOD L . 1.57 -0.32 21.59
NA NA M . 7.62 3.95 21.47
S SO4 N . 5.90 2.77 -11.00
O1 SO4 N . 6.59 2.59 -12.28
O2 SO4 N . 6.27 1.73 -10.04
O3 SO4 N . 6.24 4.10 -10.54
O4 SO4 N . 4.46 2.68 -11.22
S SO4 O . -4.04 -20.04 -25.75
O1 SO4 O . -5.21 -19.44 -26.36
O2 SO4 O . -2.94 -20.05 -26.67
O3 SO4 O . -3.70 -19.20 -24.59
O4 SO4 O . -4.27 -21.37 -25.30
S SO4 P . -20.75 -5.65 -7.22
O1 SO4 P . -21.45 -5.36 -8.45
O2 SO4 P . -19.36 -5.97 -7.53
O3 SO4 P . -20.77 -4.54 -6.28
O4 SO4 P . -21.37 -6.78 -6.55
S SO4 Q . -19.25 -20.16 -11.16
O1 SO4 Q . -20.41 -19.30 -11.38
O2 SO4 Q . -18.13 -19.64 -11.92
O3 SO4 Q . -19.00 -20.25 -9.72
O4 SO4 Q . -19.52 -21.53 -11.55
S SO4 R . -11.03 16.69 -7.85
O1 SO4 R . -11.75 17.89 -8.16
O2 SO4 R . -9.68 17.15 -7.67
O3 SO4 R . -11.56 16.15 -6.63
O4 SO4 R . -11.05 15.72 -8.91
S SO4 S . 21.70 -5.32 -10.46
O1 SO4 S . 21.49 -4.10 -11.22
O2 SO4 S . 22.74 -6.12 -11.10
O3 SO4 S . 22.09 -4.99 -9.09
O4 SO4 S . 20.47 -6.11 -10.42
I IOD T . -2.77 -14.12 3.13
NA NA U . 11.11 -7.60 -18.79
#